data_5A3B
#
_entry.id   5A3B
#
_cell.length_a   33.943
_cell.length_b   41.521
_cell.length_c   51.253
_cell.angle_alpha   99.76
_cell.angle_beta   93.40
_cell.angle_gamma   92.66
#
_symmetry.space_group_name_H-M   'P 1'
#
loop_
_entity.id
_entity.type
_entity.pdbx_description
1 polymer 'SIR2 FAMILY PROTEIN'
2 non-polymer GLYCINE
3 non-polymer ALANINE
4 non-polymer 'ZINC ION'
5 non-polymer ADENOSINE-5-DIPHOSPHORIBOSE
6 non-polymer 1,2-ETHANEDIOL
7 water water
#
_entity_poly.entity_id   1
_entity_poly.type   'polypeptide(L)'
_entity_poly.pdbx_seq_one_letter_code
;MGHHHHHHGGMSNWTTYPQKNLTQAEQLAQLIKEADALVVGIGAGMSAADGFTYIGPRFETAFPDFIAKYQFLDMLQASL
FDFEDWQEYWAFQSRFVALNYLDQPVGQSYLDLKEILETKDYHIITTNADNAFWVAGYDPHNIFHIQGEYGLWQCSQHCH
QQTYKDDTVIRQMIAEQKNMKVPGQLIPHCPECEAPFEINKRNEEKGMVEDADFHAQKARYEAFLSEHKEGKVLYLEIGV
GHTTPQFIKHPFWKRVSENPNALFVTLNHKHYRIPLSIRRQSLELTEHIAQLISATKTIYQKS
;
_entity_poly.pdbx_strand_id   A
#
loop_
_chem_comp.id
_chem_comp.type
_chem_comp.name
_chem_comp.formula
APR non-polymer ADENOSINE-5-DIPHOSPHORIBOSE 'C15 H23 N5 O14 P2'
EDO non-polymer 1,2-ETHANEDIOL 'C2 H6 O2'
ZN non-polymer 'ZINC ION' 'Zn 2'
#
# COMPACT_ATOMS: atom_id res chain seq x y z
N ASN A 13 -16.27 -6.15 25.87
CA ASN A 13 -14.86 -5.67 25.94
C ASN A 13 -14.07 -6.26 24.74
N TRP A 14 -13.05 -7.09 25.01
CA TRP A 14 -12.28 -7.77 23.96
C TRP A 14 -13.08 -8.92 23.43
N THR A 15 -13.84 -8.63 22.39
CA THR A 15 -14.80 -9.56 21.84
C THR A 15 -15.24 -8.99 20.51
N THR A 16 -15.25 -9.84 19.49
CA THR A 16 -15.86 -9.46 18.24
C THR A 16 -17.38 -9.59 18.33
N ASN A 21 -24.77 -2.85 21.61
CA ASN A 21 -25.42 -2.28 20.44
C ASN A 21 -24.67 -1.05 19.89
N LEU A 22 -23.39 -1.22 19.55
CA LEU A 22 -22.50 -0.09 19.27
C LEU A 22 -22.38 0.21 17.77
N THR A 23 -22.06 1.45 17.42
CA THR A 23 -21.78 1.80 16.03
C THR A 23 -20.45 1.15 15.60
N GLN A 24 -20.20 1.07 14.31
CA GLN A 24 -18.94 0.50 13.82
C GLN A 24 -17.76 1.25 14.41
N ALA A 25 -17.85 2.58 14.40
CA ALA A 25 -16.84 3.46 14.95
C ALA A 25 -16.64 3.27 16.46
N GLU A 26 -17.73 3.17 17.22
CA GLU A 26 -17.66 2.85 18.64
C GLU A 26 -16.99 1.50 18.87
N GLN A 27 -17.35 0.51 18.07
CA GLN A 27 -16.79 -0.83 18.24
CA GLN A 27 -16.80 -0.85 18.16
C GLN A 27 -15.28 -0.83 17.99
N LEU A 28 -14.87 -0.17 16.89
CA LEU A 28 -13.46 -0.02 16.49
C LEU A 28 -12.63 0.77 17.52
N ALA A 29 -13.17 1.92 17.98
CA ALA A 29 -12.50 2.72 18.99
C ALA A 29 -12.22 1.90 20.26
N GLN A 30 -13.22 1.17 20.72
CA GLN A 30 -13.07 0.33 21.91
C GLN A 30 -12.05 -0.77 21.75
N LEU A 31 -12.09 -1.49 20.63
CA LEU A 31 -11.09 -2.53 20.39
C LEU A 31 -9.69 -1.96 20.34
N ILE A 32 -9.50 -0.83 19.65
CA ILE A 32 -8.16 -0.26 19.57
C ILE A 32 -7.67 0.08 20.99
N LYS A 33 -8.54 0.65 21.81
CA LYS A 33 -8.17 1.06 23.14
C LYS A 33 -7.76 -0.15 23.95
N GLU A 34 -8.52 -1.20 23.79
CA GLU A 34 -8.33 -2.41 24.57
C GLU A 34 -7.11 -3.23 24.13
N ALA A 35 -6.75 -3.12 22.86
CA ALA A 35 -5.65 -3.91 22.32
C ALA A 35 -4.33 -3.71 23.06
N ASP A 36 -3.60 -4.80 23.28
CA ASP A 36 -2.19 -4.71 23.75
C ASP A 36 -1.27 -4.17 22.68
N ALA A 37 -1.56 -4.54 21.43
CA ALA A 37 -0.78 -4.10 20.31
C ALA A 37 -1.59 -4.26 19.04
N LEU A 38 -1.20 -3.53 18.01
CA LEU A 38 -1.87 -3.59 16.71
C LEU A 38 -0.89 -3.94 15.63
N VAL A 39 -1.30 -4.88 14.78
CA VAL A 39 -0.59 -5.19 13.58
C VAL A 39 -1.51 -4.68 12.48
N VAL A 40 -1.07 -3.68 11.73
CA VAL A 40 -1.98 -2.98 10.85
C VAL A 40 -1.56 -3.32 9.43
N GLY A 41 -2.49 -3.86 8.66
CA GLY A 41 -2.25 -4.19 7.26
C GLY A 41 -3.03 -3.24 6.34
N ILE A 42 -2.32 -2.54 5.48
CA ILE A 42 -2.98 -1.50 4.64
C ILE A 42 -2.82 -1.82 3.16
N GLY A 43 -3.96 -1.90 2.48
CA GLY A 43 -4.02 -2.06 1.07
C GLY A 43 -4.65 -0.89 0.35
N ALA A 44 -4.93 -1.14 -0.92
CA ALA A 44 -5.25 -0.05 -1.85
C ALA A 44 -6.56 0.64 -1.50
N GLY A 45 -7.44 -0.04 -0.79
CA GLY A 45 -8.71 0.57 -0.34
C GLY A 45 -8.55 1.80 0.52
N MET A 46 -7.51 1.86 1.34
CA MET A 46 -7.30 3.03 2.17
CA MET A 46 -7.24 3.01 2.18
C MET A 46 -6.94 4.25 1.32
N SER A 47 -6.12 4.06 0.30
CA SER A 47 -5.79 5.14 -0.63
C SER A 47 -7.01 5.54 -1.49
N ALA A 48 -7.74 4.55 -1.99
CA ALA A 48 -8.96 4.82 -2.76
C ALA A 48 -9.95 5.62 -1.93
N ALA A 49 -10.05 5.29 -0.65
CA ALA A 49 -11.01 5.99 0.24
C ALA A 49 -10.72 7.48 0.41
N ASP A 50 -9.44 7.85 0.30
CA ASP A 50 -9.03 9.26 0.32
C ASP A 50 -9.00 9.94 -1.06
N GLY A 51 -9.57 9.28 -2.04
CA GLY A 51 -9.64 9.80 -3.38
C GLY A 51 -8.49 9.48 -4.31
N PHE A 52 -7.54 8.66 -3.87
CA PHE A 52 -6.44 8.27 -4.71
C PHE A 52 -6.85 7.01 -5.46
N THR A 53 -7.73 7.21 -6.43
CA THR A 53 -8.36 6.12 -7.17
C THR A 53 -7.59 5.75 -8.44
N TYR A 54 -7.82 4.52 -8.90
CA TYR A 54 -7.12 3.97 -10.04
C TYR A 54 -8.03 3.63 -11.20
N ILE A 55 -9.27 4.08 -11.13
CA ILE A 55 -10.21 3.93 -12.21
C ILE A 55 -11.06 5.20 -12.19
N GLY A 56 -11.65 5.56 -13.32
CA GLY A 56 -12.48 6.72 -13.39
C GLY A 56 -11.73 7.97 -13.76
N PRO A 57 -12.35 9.12 -13.51
CA PRO A 57 -11.83 10.43 -13.89
C PRO A 57 -10.37 10.68 -13.52
N ARG A 58 -9.93 10.28 -12.33
CA ARG A 58 -8.53 10.51 -11.97
C ARG A 58 -7.55 9.87 -12.98
N PHE A 59 -7.90 8.67 -13.45
CA PHE A 59 -7.13 7.90 -14.42
C PHE A 59 -7.40 8.50 -15.80
N GLU A 60 -8.66 8.77 -16.15
CA GLU A 60 -8.99 9.31 -17.46
CA GLU A 60 -9.00 9.30 -17.46
C GLU A 60 -8.35 10.65 -17.75
N THR A 61 -8.32 11.55 -16.76
CA THR A 61 -7.73 12.88 -16.92
C THR A 61 -6.23 12.80 -17.16
N ALA A 62 -5.57 11.90 -16.43
CA ALA A 62 -4.13 11.81 -16.42
C ALA A 62 -3.55 11.08 -17.64
N PHE A 63 -4.32 10.15 -18.23
CA PHE A 63 -3.78 9.29 -19.31
C PHE A 63 -4.73 9.13 -20.53
N PRO A 64 -5.23 10.24 -21.06
CA PRO A 64 -6.18 10.09 -22.19
C PRO A 64 -5.50 9.53 -23.48
N ASP A 65 -4.22 9.87 -23.69
CA ASP A 65 -3.46 9.29 -24.79
C ASP A 65 -3.34 7.78 -24.72
N PHE A 66 -2.83 7.30 -23.61
CA PHE A 66 -2.64 5.89 -23.37
C PHE A 66 -3.94 5.12 -23.38
N ILE A 67 -4.99 5.71 -22.81
CA ILE A 67 -6.33 5.10 -22.88
C ILE A 67 -6.87 5.01 -24.32
N ALA A 68 -6.74 6.10 -25.05
CA ALA A 68 -7.13 6.13 -26.45
C ALA A 68 -6.39 5.09 -27.31
N LYS A 69 -5.09 4.86 -27.05
CA LYS A 69 -4.33 3.90 -27.79
C LYS A 69 -4.58 2.45 -27.37
N TYR A 70 -4.67 2.17 -26.07
CA TYR A 70 -4.67 0.78 -25.58
C TYR A 70 -6.01 0.30 -25.01
N GLN A 71 -6.98 1.19 -24.87
CA GLN A 71 -8.30 0.82 -24.33
CA GLN A 71 -8.29 0.89 -24.28
C GLN A 71 -8.14 0.34 -22.87
N PHE A 72 -7.20 0.92 -22.10
CA PHE A 72 -7.00 0.52 -20.71
C PHE A 72 -8.26 0.80 -19.92
N LEU A 73 -8.67 -0.13 -19.07
CA LEU A 73 -9.81 0.12 -18.20
C LEU A 73 -9.43 0.87 -16.95
N ASP A 74 -8.27 0.59 -16.41
CA ASP A 74 -7.84 1.23 -15.18
C ASP A 74 -6.32 1.36 -15.06
N MET A 75 -5.90 2.10 -14.07
CA MET A 75 -4.52 2.53 -13.95
C MET A 75 -3.60 1.41 -13.46
N LEU A 76 -4.13 0.49 -12.69
CA LEU A 76 -3.39 -0.69 -12.28
C LEU A 76 -3.00 -1.59 -13.47
N GLN A 77 -3.98 -1.91 -14.28
CA GLN A 77 -3.75 -2.67 -15.50
C GLN A 77 -2.69 -1.96 -16.37
N ALA A 78 -2.87 -0.65 -16.56
CA ALA A 78 -1.93 0.07 -17.39
C ALA A 78 -0.53 0.03 -16.79
N SER A 79 -0.44 0.09 -15.45
CA SER A 79 0.86 0.08 -14.77
C SER A 79 1.57 -1.28 -14.86
N LEU A 80 0.84 -2.32 -15.25
CA LEU A 80 1.39 -3.67 -15.41
C LEU A 80 1.59 -4.06 -16.87
N PHE A 81 1.16 -3.20 -17.78
CA PHE A 81 1.18 -3.55 -19.20
C PHE A 81 2.61 -3.69 -19.74
N ASP A 82 2.82 -4.72 -20.54
CA ASP A 82 4.08 -4.88 -21.24
C ASP A 82 4.06 -4.05 -22.50
N PHE A 83 4.59 -2.84 -22.39
CA PHE A 83 4.67 -1.91 -23.50
C PHE A 83 5.62 -2.40 -24.59
N GLU A 84 5.41 -1.90 -25.79
CA GLU A 84 6.23 -2.24 -26.94
C GLU A 84 7.73 -1.98 -26.66
N ASP A 85 8.07 -0.79 -26.18
CA ASP A 85 9.45 -0.44 -25.90
C ASP A 85 9.59 0.33 -24.59
N TRP A 86 10.84 0.43 -24.17
CA TRP A 86 11.15 1.14 -22.95
C TRP A 86 10.85 2.63 -23.05
N GLN A 87 10.79 3.17 -24.28
CA GLN A 87 10.42 4.59 -24.45
C GLN A 87 9.00 4.82 -24.01
N GLU A 88 8.12 3.91 -24.39
CA GLU A 88 6.74 3.96 -23.97
C GLU A 88 6.53 3.63 -22.50
N TYR A 89 7.24 2.61 -22.03
CA TYR A 89 7.22 2.24 -20.62
C TYR A 89 7.50 3.44 -19.77
N TRP A 90 8.61 4.11 -20.05
CA TRP A 90 8.99 5.27 -19.26
C TRP A 90 8.11 6.51 -19.47
N ALA A 91 7.50 6.67 -20.64
CA ALA A 91 6.50 7.73 -20.81
C ALA A 91 5.32 7.51 -19.89
N PHE A 92 4.81 6.29 -19.82
CA PHE A 92 3.70 5.96 -18.92
C PHE A 92 4.14 6.07 -17.45
N GLN A 93 5.29 5.50 -17.11
CA GLN A 93 5.60 5.34 -15.68
C GLN A 93 6.03 6.64 -15.04
N SER A 94 6.70 7.48 -15.82
CA SER A 94 7.11 8.77 -15.29
C SER A 94 5.85 9.53 -14.81
N ARG A 95 4.82 9.51 -15.63
CA ARG A 95 3.57 10.20 -15.31
C ARG A 95 2.82 9.54 -14.15
N PHE A 96 2.81 8.21 -14.16
CA PHE A 96 2.28 7.42 -13.08
C PHE A 96 2.94 7.74 -11.70
N VAL A 97 4.26 7.86 -11.71
CA VAL A 97 5.02 8.22 -10.50
C VAL A 97 4.71 9.63 -10.01
N ALA A 98 4.62 10.59 -10.93
CA ALA A 98 4.23 11.93 -10.54
C ALA A 98 2.83 12.00 -9.91
N LEU A 99 1.88 11.29 -10.50
CA LEU A 99 0.52 11.33 -10.00
C LEU A 99 0.40 10.67 -8.61
N ASN A 100 1.00 9.49 -8.45
CA ASN A 100 0.81 8.69 -7.24
C ASN A 100 1.96 8.72 -6.25
N TYR A 101 3.01 9.48 -6.52
CA TYR A 101 4.16 9.48 -5.63
C TYR A 101 4.83 10.85 -5.45
N LEU A 102 5.10 11.57 -6.53
CA LEU A 102 5.76 12.85 -6.37
C LEU A 102 4.75 13.87 -5.86
N ASP A 103 3.58 13.87 -6.46
CA ASP A 103 2.68 14.99 -6.26
C ASP A 103 1.38 14.64 -5.55
N GLN A 104 1.16 13.38 -5.19
CA GLN A 104 -0.04 13.00 -4.47
C GLN A 104 -0.11 13.70 -3.09
N PRO A 105 -1.20 14.46 -2.83
CA PRO A 105 -1.27 15.18 -1.55
C PRO A 105 -1.64 14.27 -0.40
N VAL A 106 -1.53 14.83 0.79
CA VAL A 106 -1.85 14.06 2.01
C VAL A 106 -3.32 13.60 2.08
N GLY A 107 -3.56 12.36 2.53
CA GLY A 107 -4.91 11.87 2.69
C GLY A 107 -5.36 11.99 4.14
N GLN A 108 -6.59 12.46 4.35
CA GLN A 108 -7.06 12.68 5.71
C GLN A 108 -7.13 11.40 6.56
N SER A 109 -7.43 10.26 5.95
CA SER A 109 -7.54 9.02 6.71
CA SER A 109 -7.54 9.01 6.70
C SER A 109 -6.19 8.52 7.21
N TYR A 110 -5.11 8.78 6.45
CA TYR A 110 -3.75 8.50 6.91
C TYR A 110 -3.36 9.37 8.12
N LEU A 111 -3.75 10.64 8.08
CA LEU A 111 -3.56 11.53 9.24
C LEU A 111 -4.41 11.07 10.45
N ASP A 112 -5.67 10.72 10.22
CA ASP A 112 -6.59 10.32 11.33
C ASP A 112 -6.11 9.03 12.00
N LEU A 113 -5.71 8.05 11.17
CA LEU A 113 -5.18 6.80 11.69
C LEU A 113 -3.90 7.03 12.50
N LYS A 114 -3.04 7.94 12.04
CA LYS A 114 -1.77 8.20 12.70
C LYS A 114 -1.97 8.70 14.13
N GLU A 115 -2.96 9.58 14.29
CA GLU A 115 -3.34 10.14 15.59
C GLU A 115 -3.85 9.05 16.55
N ILE A 116 -4.70 8.16 16.03
CA ILE A 116 -5.16 7.03 16.83
C ILE A 116 -3.97 6.16 17.23
N LEU A 117 -3.04 5.92 16.32
CA LEU A 117 -2.01 4.95 16.59
C LEU A 117 -0.93 5.51 17.50
N GLU A 118 -0.90 6.84 17.65
CA GLU A 118 0.16 7.53 18.43
C GLU A 118 0.32 6.93 19.83
N THR A 119 -0.78 6.53 20.44
CA THR A 119 -0.76 6.01 21.78
C THR A 119 -0.62 4.50 21.87
N LYS A 120 -0.45 3.80 20.74
CA LYS A 120 -0.41 2.32 20.75
C LYS A 120 0.92 1.79 20.26
N ASP A 121 1.25 0.56 20.69
CA ASP A 121 2.32 -0.23 20.13
C ASP A 121 1.79 -0.80 18.84
N TYR A 122 2.42 -0.47 17.73
CA TYR A 122 1.93 -0.94 16.44
C TYR A 122 3.04 -1.08 15.40
N HIS A 123 2.73 -1.84 14.36
CA HIS A 123 3.57 -1.85 13.18
C HIS A 123 2.64 -2.00 11.99
N ILE A 124 3.06 -1.46 10.87
CA ILE A 124 2.26 -1.45 9.65
C ILE A 124 2.97 -2.22 8.57
N ILE A 125 2.24 -3.09 7.90
CA ILE A 125 2.70 -3.70 6.66
C ILE A 125 1.72 -3.22 5.58
N THR A 126 2.28 -2.78 4.47
CA THR A 126 1.48 -2.28 3.39
C THR A 126 1.89 -2.87 2.06
N THR A 127 0.90 -3.18 1.25
CA THR A 127 1.15 -3.52 -0.15
C THR A 127 1.07 -2.31 -1.08
N ASN A 128 0.70 -1.14 -0.53
CA ASN A 128 0.65 0.08 -1.31
C ASN A 128 2.06 0.58 -1.62
N ALA A 129 2.21 1.24 -2.75
CA ALA A 129 3.52 1.78 -3.10
C ALA A 129 3.53 3.28 -3.36
N ASP A 130 2.44 3.94 -2.98
CA ASP A 130 2.32 5.39 -3.11
C ASP A 130 3.00 6.13 -1.97
N ASN A 131 2.86 7.46 -1.92
CA ASN A 131 3.64 8.27 -0.96
C ASN A 131 2.91 8.50 0.35
N ALA A 132 1.79 7.79 0.53
CA ALA A 132 0.78 8.22 1.51
C ALA A 132 1.30 8.34 2.92
N PHE A 133 2.11 7.38 3.36
CA PHE A 133 2.65 7.39 4.72
C PHE A 133 3.66 8.50 4.91
N TRP A 134 4.39 8.82 3.85
CA TRP A 134 5.44 9.85 3.97
C TRP A 134 4.85 11.25 4.08
N VAL A 135 3.91 11.59 3.19
CA VAL A 135 3.29 12.91 3.27
CA VAL A 135 3.28 12.89 3.22
C VAL A 135 2.43 13.05 4.51
N ALA A 136 2.00 11.93 5.10
CA ALA A 136 1.25 11.95 6.38
C ALA A 136 2.17 11.93 7.62
N GLY A 137 3.46 11.86 7.39
CA GLY A 137 4.46 12.06 8.46
C GLY A 137 4.67 10.88 9.37
N TYR A 138 4.44 9.65 8.86
CA TYR A 138 4.70 8.42 9.64
C TYR A 138 6.20 8.17 9.78
N ASP A 139 6.60 7.62 10.92
CA ASP A 139 7.97 7.15 11.11
C ASP A 139 8.26 5.97 10.18
N PRO A 140 9.26 6.12 9.31
CA PRO A 140 9.57 4.99 8.43
C PRO A 140 9.92 3.70 9.15
N HIS A 141 10.40 3.75 10.39
CA HIS A 141 10.76 2.52 11.07
C HIS A 141 9.55 1.67 11.42
N ASN A 142 8.36 2.23 11.29
CA ASN A 142 7.17 1.52 11.72
C ASN A 142 6.36 0.93 10.57
N ILE A 143 6.88 1.05 9.34
CA ILE A 143 6.17 0.65 8.13
C ILE A 143 7.02 -0.26 7.23
N PHE A 144 6.41 -1.34 6.75
CA PHE A 144 7.07 -2.31 5.89
C PHE A 144 6.38 -2.27 4.53
N HIS A 145 7.07 -1.72 3.53
CA HIS A 145 6.53 -1.62 2.17
C HIS A 145 6.94 -2.91 1.45
N ILE A 146 6.17 -3.96 1.66
CA ILE A 146 6.49 -5.27 1.12
C ILE A 146 6.45 -5.35 -0.43
N GLN A 147 5.78 -4.39 -1.09
CA GLN A 147 5.65 -4.37 -2.56
C GLN A 147 6.45 -3.28 -3.21
N GLY A 148 7.42 -2.73 -2.48
CA GLY A 148 8.30 -1.69 -2.99
C GLY A 148 7.64 -0.32 -2.96
N GLU A 149 8.23 0.61 -3.67
CA GLU A 149 7.71 1.97 -3.71
C GLU A 149 7.85 2.53 -5.12
N TYR A 150 6.86 3.32 -5.55
CA TYR A 150 6.90 3.84 -6.92
C TYR A 150 8.05 4.82 -7.16
N GLY A 151 8.48 5.48 -6.09
CA GLY A 151 9.64 6.36 -6.12
C GLY A 151 10.99 5.71 -6.30
N LEU A 152 11.05 4.39 -6.28
CA LEU A 152 12.29 3.67 -6.39
C LEU A 152 12.38 2.89 -7.69
N TRP A 153 13.62 2.67 -8.10
CA TRP A 153 13.90 1.92 -9.32
C TRP A 153 14.73 0.69 -9.03
N GLN A 154 14.65 -0.27 -9.94
CA GLN A 154 15.46 -1.49 -9.85
C GLN A 154 15.95 -1.89 -11.24
N CYS A 155 17.05 -2.64 -11.29
CA CYS A 155 17.55 -3.13 -12.57
C CYS A 155 16.52 -4.06 -13.20
N SER A 156 16.14 -3.81 -14.46
CA SER A 156 15.10 -4.66 -15.07
C SER A 156 15.52 -6.13 -15.18
N GLN A 157 16.81 -6.41 -15.06
CA GLN A 157 17.30 -7.78 -15.02
C GLN A 157 17.59 -8.23 -13.59
N HIS A 158 17.18 -7.44 -12.61
CA HIS A 158 17.39 -7.78 -11.22
C HIS A 158 18.83 -8.24 -11.06
N CYS A 159 19.80 -7.54 -11.65
CA CYS A 159 21.17 -8.09 -11.68
C CYS A 159 21.90 -7.97 -10.33
N HIS A 160 21.51 -7.00 -9.51
CA HIS A 160 22.00 -6.86 -8.13
C HIS A 160 20.93 -6.21 -7.22
N GLN A 161 21.04 -6.45 -5.91
CA GLN A 161 19.99 -6.07 -4.95
C GLN A 161 20.22 -4.68 -4.37
N GLN A 162 19.95 -3.70 -5.21
CA GLN A 162 20.03 -2.29 -4.86
CA GLN A 162 20.04 -2.28 -4.86
C GLN A 162 18.93 -1.53 -5.57
N THR A 163 18.26 -0.63 -4.86
CA THR A 163 17.31 0.30 -5.49
C THR A 163 17.92 1.68 -5.67
N TYR A 164 17.38 2.41 -6.63
CA TYR A 164 17.87 3.74 -6.98
C TYR A 164 16.70 4.68 -7.09
N LYS A 165 16.99 5.99 -6.99
CA LYS A 165 15.93 6.96 -7.19
C LYS A 165 16.46 8.20 -7.87
N ASP A 166 15.59 8.90 -8.57
CA ASP A 166 15.99 10.15 -9.20
C ASP A 166 14.76 10.87 -9.68
N ASP A 167 14.19 11.67 -8.79
CA ASP A 167 12.93 12.38 -9.05
C ASP A 167 13.12 13.41 -10.15
N THR A 168 14.34 13.93 -10.30
CA THR A 168 14.60 14.95 -11.32
C THR A 168 14.43 14.39 -12.72
N VAL A 169 14.91 13.17 -12.92
CA VAL A 169 14.79 12.45 -14.18
CA VAL A 169 14.77 12.58 -14.23
C VAL A 169 13.33 12.13 -14.47
N ILE A 170 12.59 11.77 -13.40
CA ILE A 170 11.17 11.55 -13.58
C ILE A 170 10.52 12.79 -14.14
N ARG A 171 10.83 13.94 -13.58
CA ARG A 171 10.22 15.18 -14.07
C ARG A 171 10.69 15.54 -15.50
N GLN A 172 11.95 15.25 -15.82
CA GLN A 172 12.43 15.42 -17.21
C GLN A 172 11.63 14.60 -18.22
N MET A 173 11.37 13.38 -17.85
CA MET A 173 10.61 12.47 -18.65
C MET A 173 9.18 12.92 -18.90
N ILE A 174 8.56 13.54 -17.89
CA ILE A 174 7.24 14.09 -18.05
C ILE A 174 7.30 15.27 -19.02
N ALA A 175 8.32 16.12 -18.82
CA ALA A 175 8.49 17.33 -19.63
C ALA A 175 8.91 17.02 -21.08
N GLU A 176 9.75 16.00 -21.27
CA GLU A 176 10.37 15.79 -22.60
C GLU A 176 9.67 14.78 -23.50
N GLN A 177 8.81 13.96 -22.92
CA GLN A 177 8.08 12.99 -23.72
C GLN A 177 7.11 13.63 -24.72
N LYS A 178 6.89 12.92 -25.84
CA LYS A 178 5.89 13.31 -26.82
C LYS A 178 5.38 12.03 -27.40
N ASN A 179 4.09 12.02 -27.76
CA ASN A 179 3.52 10.88 -28.47
C ASN A 179 3.76 9.57 -27.71
N MET A 180 3.62 9.63 -26.38
CA MET A 180 3.74 8.48 -25.49
C MET A 180 5.12 7.83 -25.50
N LYS A 181 6.15 8.60 -25.84
CA LYS A 181 7.52 8.13 -25.84
C LYS A 181 8.49 9.16 -25.24
N VAL A 182 9.26 8.70 -24.26
CA VAL A 182 10.41 9.44 -23.75
CA VAL A 182 10.39 9.49 -23.78
C VAL A 182 11.56 9.35 -24.77
N PRO A 183 12.32 10.45 -25.01
CA PRO A 183 13.50 10.32 -25.89
C PRO A 183 14.44 9.24 -25.39
N GLY A 184 15.07 8.51 -26.31
CA GLY A 184 15.93 7.38 -25.95
C GLY A 184 17.03 7.71 -24.97
N GLN A 185 17.63 8.89 -25.12
CA GLN A 185 18.78 9.25 -24.29
C GLN A 185 18.39 9.54 -22.84
N LEU A 186 17.10 9.70 -22.55
CA LEU A 186 16.64 9.91 -21.17
C LEU A 186 16.32 8.62 -20.44
N ILE A 187 16.22 7.51 -21.13
CA ILE A 187 15.94 6.24 -20.45
C ILE A 187 17.10 5.91 -19.49
N PRO A 188 16.82 5.64 -18.20
CA PRO A 188 17.87 5.36 -17.26
C PRO A 188 18.28 3.90 -17.27
N HIS A 189 19.58 3.64 -17.13
CA HIS A 189 20.15 2.27 -17.23
C HIS A 189 20.92 1.91 -15.98
N CYS A 190 20.81 0.64 -15.60
CA CYS A 190 21.56 0.06 -14.49
C CYS A 190 23.05 0.23 -14.76
N PRO A 191 23.79 0.84 -13.83
CA PRO A 191 25.23 0.98 -14.05
C PRO A 191 26.03 -0.33 -14.06
N GLU A 192 25.52 -1.40 -13.48
CA GLU A 192 26.22 -2.68 -13.46
C GLU A 192 26.12 -3.44 -14.77
N CYS A 193 24.93 -3.52 -15.35
CA CYS A 193 24.72 -4.38 -16.50
C CYS A 193 24.18 -3.65 -17.73
N GLU A 194 23.96 -2.34 -17.62
CA GLU A 194 23.36 -1.49 -18.67
C GLU A 194 21.93 -1.83 -19.15
N ALA A 195 21.26 -2.77 -18.50
CA ALA A 195 19.85 -2.97 -18.77
C ALA A 195 19.07 -1.69 -18.35
N PRO A 196 17.91 -1.44 -18.99
CA PRO A 196 17.16 -0.29 -18.49
C PRO A 196 16.71 -0.49 -17.03
N PHE A 197 16.60 0.62 -16.30
CA PHE A 197 15.90 0.63 -15.02
C PHE A 197 14.42 0.48 -15.28
N GLU A 198 13.74 -0.07 -14.28
CA GLU A 198 12.30 -0.14 -14.23
C GLU A 198 11.84 0.25 -12.81
N ILE A 199 10.54 0.35 -12.60
CA ILE A 199 10.02 0.71 -11.28
C ILE A 199 10.26 -0.47 -10.34
N ASN A 200 10.59 -0.19 -9.10
CA ASN A 200 10.76 -1.21 -8.07
C ASN A 200 9.39 -1.80 -7.74
N LYS A 201 9.06 -2.90 -8.40
CA LYS A 201 7.74 -3.49 -8.35
C LYS A 201 7.87 -5.01 -8.38
N ARG A 202 6.99 -5.69 -7.67
CA ARG A 202 7.07 -7.14 -7.54
C ARG A 202 6.32 -7.85 -8.68
N ASN A 203 7.08 -8.59 -9.47
CA ASN A 203 6.54 -9.47 -10.49
C ASN A 203 6.24 -10.87 -9.92
N GLU A 204 5.13 -11.46 -10.35
CA GLU A 204 4.79 -12.84 -9.99
C GLU A 204 5.89 -13.80 -10.43
N GLU A 205 6.38 -13.64 -11.66
CA GLU A 205 7.41 -14.55 -12.19
C GLU A 205 8.83 -14.19 -11.78
N LYS A 206 9.18 -12.91 -11.80
CA LYS A 206 10.55 -12.45 -11.49
C LYS A 206 10.77 -11.90 -10.07
N GLY A 207 9.73 -11.81 -9.25
CA GLY A 207 9.89 -11.26 -7.90
C GLY A 207 10.23 -9.78 -7.90
N MET A 208 11.01 -9.33 -6.93
CA MET A 208 11.30 -7.91 -6.76
C MET A 208 12.70 -7.79 -6.22
N VAL A 209 13.41 -6.72 -6.59
CA VAL A 209 14.73 -6.46 -6.02
C VAL A 209 14.45 -6.05 -4.59
N GLU A 210 15.16 -6.70 -3.67
CA GLU A 210 14.98 -6.50 -2.25
C GLU A 210 16.33 -6.12 -1.67
N ASP A 211 16.57 -4.83 -1.53
CA ASP A 211 17.88 -4.36 -1.07
C ASP A 211 18.02 -4.33 0.44
N ALA A 212 19.13 -3.77 0.94
CA ALA A 212 19.39 -3.74 2.37
C ALA A 212 18.26 -3.06 3.14
N ASP A 213 17.77 -1.94 2.61
CA ASP A 213 16.69 -1.27 3.27
C ASP A 213 15.41 -2.11 3.36
N PHE A 214 15.11 -2.86 2.31
CA PHE A 214 13.93 -3.73 2.32
C PHE A 214 14.07 -4.79 3.39
N HIS A 215 15.26 -5.38 3.52
CA HIS A 215 15.46 -6.43 4.49
C HIS A 215 15.44 -5.88 5.93
N ALA A 216 15.81 -4.63 6.09
CA ALA A 216 15.76 -3.93 7.40
C ALA A 216 14.32 -3.70 7.80
N GLN A 217 13.49 -3.30 6.85
CA GLN A 217 12.05 -3.16 7.13
C GLN A 217 11.42 -4.52 7.49
N LYS A 218 11.75 -5.54 6.71
CA LYS A 218 11.19 -6.88 6.95
C LYS A 218 11.57 -7.38 8.34
N ALA A 219 12.83 -7.17 8.73
CA ALA A 219 13.33 -7.64 10.03
C ALA A 219 12.66 -6.89 11.18
N ARG A 220 12.43 -5.59 11.01
CA ARG A 220 11.68 -4.83 12.01
C ARG A 220 10.24 -5.36 12.20
N TYR A 221 9.60 -5.65 11.08
CA TYR A 221 8.24 -6.19 11.07
C TYR A 221 8.22 -7.56 11.75
N GLU A 222 9.15 -8.42 11.37
CA GLU A 222 9.24 -9.75 11.95
C GLU A 222 9.56 -9.70 13.45
N ALA A 223 10.35 -8.71 13.85
CA ALA A 223 10.68 -8.50 15.26
C ALA A 223 9.43 -8.20 16.04
N PHE A 224 8.63 -7.28 15.51
CA PHE A 224 7.39 -6.84 16.14
C PHE A 224 6.46 -8.02 16.27
N LEU A 225 6.33 -8.82 15.20
CA LEU A 225 5.50 -10.02 15.28
C LEU A 225 5.98 -11.01 16.35
N SER A 226 7.30 -11.15 16.47
CA SER A 226 7.89 -12.07 17.45
CA SER A 226 7.88 -12.08 17.44
CA SER A 226 7.89 -12.06 17.44
C SER A 226 7.55 -11.64 18.87
N GLU A 227 7.52 -10.33 19.08
CA GLU A 227 7.17 -9.76 20.40
C GLU A 227 5.68 -9.85 20.73
N HIS A 228 4.83 -10.10 19.74
CA HIS A 228 3.38 -10.08 19.94
C HIS A 228 2.74 -11.35 19.42
N LYS A 229 3.36 -12.48 19.75
CA LYS A 229 2.79 -13.80 19.51
C LYS A 229 1.67 -14.12 20.48
N GLU A 230 1.70 -13.44 21.62
CA GLU A 230 0.72 -13.62 22.69
C GLU A 230 -0.02 -12.32 23.00
N GLY A 231 -1.12 -12.45 23.70
CA GLY A 231 -1.85 -11.28 24.20
C GLY A 231 -2.95 -10.80 23.28
N LYS A 232 -3.52 -9.66 23.65
CA LYS A 232 -4.64 -9.06 22.93
C LYS A 232 -4.11 -8.24 21.74
N VAL A 233 -3.72 -8.97 20.71
CA VAL A 233 -3.18 -8.36 19.51
C VAL A 233 -4.28 -8.19 18.49
N LEU A 234 -4.45 -6.96 18.01
CA LEU A 234 -5.47 -6.65 17.04
C LEU A 234 -4.83 -6.60 15.67
N TYR A 235 -5.29 -7.51 14.80
CA TYR A 235 -4.83 -7.57 13.41
C TYR A 235 -5.83 -6.77 12.63
N LEU A 236 -5.45 -5.57 12.25
CA LEU A 236 -6.38 -4.62 11.66
C LEU A 236 -6.08 -4.50 10.17
N GLU A 237 -7.01 -4.98 9.36
CA GLU A 237 -6.85 -5.06 7.92
C GLU A 237 -7.70 -3.99 7.23
N ILE A 238 -7.05 -3.05 6.55
CA ILE A 238 -7.72 -1.90 6.00
C ILE A 238 -7.63 -1.85 4.48
N GLY A 239 -8.74 -2.11 3.84
CA GLY A 239 -8.85 -1.93 2.39
C GLY A 239 -7.97 -2.88 1.62
N VAL A 240 -7.93 -4.11 2.09
CA VAL A 240 -7.18 -5.18 1.47
C VAL A 240 -8.14 -6.12 0.78
N GLY A 241 -7.89 -6.38 -0.49
CA GLY A 241 -8.78 -7.19 -1.31
C GLY A 241 -8.19 -8.55 -1.67
N HIS A 242 -8.60 -9.05 -2.84
CA HIS A 242 -8.20 -10.37 -3.32
C HIS A 242 -7.04 -10.35 -4.29
N THR A 243 -6.52 -9.18 -4.66
CA THR A 243 -5.53 -9.11 -5.72
C THR A 243 -4.23 -9.87 -5.37
N THR A 244 -3.74 -9.71 -4.15
CA THR A 244 -2.50 -10.39 -3.67
C THR A 244 -2.61 -10.74 -2.19
N PRO A 245 -3.53 -11.68 -1.86
CA PRO A 245 -3.84 -12.07 -0.49
C PRO A 245 -2.72 -12.70 0.27
N GLN A 246 -1.63 -13.07 -0.41
CA GLN A 246 -0.52 -13.73 0.24
C GLN A 246 0.31 -12.80 1.12
N PHE A 247 0.21 -11.48 0.94
CA PHE A 247 1.07 -10.57 1.70
C PHE A 247 0.50 -10.14 3.02
N ILE A 248 -0.79 -9.83 3.05
CA ILE A 248 -1.44 -9.40 4.27
C ILE A 248 -2.59 -10.31 4.71
N LYS A 249 -3.59 -10.46 3.86
CA LYS A 249 -4.80 -11.17 4.26
C LYS A 249 -4.52 -12.57 4.82
N HIS A 250 -3.86 -13.43 4.06
CA HIS A 250 -3.65 -14.81 4.52
C HIS A 250 -2.71 -14.91 5.73
N PRO A 251 -1.57 -14.20 5.71
CA PRO A 251 -0.74 -14.22 6.91
C PRO A 251 -1.47 -13.73 8.20
N PHE A 252 -2.32 -12.72 8.08
CA PHE A 252 -3.13 -12.25 9.21
C PHE A 252 -4.08 -13.33 9.73
N TRP A 253 -4.76 -13.99 8.82
CA TRP A 253 -5.65 -15.08 9.17
C TRP A 253 -4.91 -16.13 10.00
N LYS A 254 -3.70 -16.44 9.60
CA LYS A 254 -2.92 -17.44 10.29
C LYS A 254 -2.46 -16.97 11.65
N ARG A 255 -2.07 -15.71 11.75
CA ARG A 255 -1.64 -15.17 13.04
C ARG A 255 -2.77 -15.21 14.04
N VAL A 256 -3.99 -14.91 13.56
CA VAL A 256 -5.12 -14.86 14.45
C VAL A 256 -5.50 -16.27 14.91
N SER A 257 -5.38 -17.24 14.01
CA SER A 257 -5.63 -18.64 14.37
C SER A 257 -4.67 -19.14 15.46
N GLU A 258 -3.41 -18.81 15.32
CA GLU A 258 -2.34 -19.25 16.18
C GLU A 258 -2.31 -18.57 17.56
N ASN A 259 -2.96 -17.41 17.70
CA ASN A 259 -3.09 -16.72 18.98
C ASN A 259 -4.57 -16.62 19.32
N PRO A 260 -5.08 -17.50 20.17
CA PRO A 260 -6.51 -17.47 20.56
C PRO A 260 -7.00 -16.15 21.17
N ASN A 261 -6.07 -15.33 21.65
CA ASN A 261 -6.42 -14.00 22.20
C ASN A 261 -6.33 -12.84 21.21
N ALA A 262 -6.00 -13.15 19.96
CA ALA A 262 -5.97 -12.13 18.91
C ALA A 262 -7.34 -11.94 18.31
N LEU A 263 -7.53 -10.76 17.75
CA LEU A 263 -8.71 -10.49 16.92
C LEU A 263 -8.33 -10.06 15.53
N PHE A 264 -9.21 -10.38 14.58
CA PHE A 264 -9.06 -9.99 13.17
C PHE A 264 -10.20 -9.03 12.88
N VAL A 265 -9.85 -7.79 12.60
CA VAL A 265 -10.85 -6.77 12.26
C VAL A 265 -10.56 -6.26 10.85
N THR A 266 -11.52 -6.38 9.96
CA THR A 266 -11.32 -6.00 8.58
C THR A 266 -12.22 -4.82 8.25
N LEU A 267 -11.60 -3.75 7.75
CA LEU A 267 -12.31 -2.59 7.26
C LEU A 267 -12.40 -2.76 5.77
N ASN A 268 -13.59 -3.09 5.30
CA ASN A 268 -13.78 -3.33 3.90
C ASN A 268 -15.24 -3.24 3.57
N HIS A 269 -15.56 -2.48 2.52
CA HIS A 269 -16.95 -2.41 2.07
C HIS A 269 -17.45 -3.62 1.28
N LYS A 270 -16.58 -4.58 0.92
CA LYS A 270 -16.99 -5.87 0.34
C LYS A 270 -16.77 -7.02 1.33
N HIS A 271 -17.53 -8.11 1.20
CA HIS A 271 -17.34 -9.26 2.09
C HIS A 271 -16.43 -10.33 1.52
N TYR A 272 -15.32 -10.60 2.21
CA TYR A 272 -14.43 -11.70 1.85
CA TYR A 272 -14.43 -11.70 1.85
C TYR A 272 -14.58 -12.73 2.97
C TYR A 272 -14.53 -12.72 2.97
N ARG A 273 -14.88 -13.95 2.60
CA ARG A 273 -15.21 -14.95 3.60
C ARG A 273 -14.00 -15.36 4.41
N ILE A 274 -14.23 -15.41 5.69
CA ILE A 274 -13.22 -15.60 6.71
C ILE A 274 -13.12 -17.10 7.04
N PRO A 275 -11.90 -17.62 7.20
CA PRO A 275 -11.78 -19.06 7.49
C PRO A 275 -12.47 -19.49 8.81
N LEU A 276 -12.87 -20.75 8.84
CA LEU A 276 -13.72 -21.23 9.91
C LEU A 276 -12.96 -21.06 11.20
N SER A 277 -11.66 -21.32 11.14
CA SER A 277 -10.79 -21.29 12.31
C SER A 277 -10.84 -19.97 13.07
N ILE A 278 -11.17 -18.87 12.40
CA ILE A 278 -11.13 -17.58 13.09
C ILE A 278 -12.44 -16.79 13.07
N ARG A 279 -13.52 -17.47 12.72
CA ARG A 279 -14.82 -16.86 12.72
C ARG A 279 -15.17 -16.15 14.03
N ARG A 280 -14.83 -16.78 15.14
CA ARG A 280 -15.19 -16.25 16.44
C ARG A 280 -14.22 -15.15 16.90
N GLN A 281 -13.11 -14.96 16.19
CA GLN A 281 -12.17 -13.91 16.52
C GLN A 281 -12.20 -12.77 15.48
N SER A 282 -13.28 -12.66 14.71
CA SER A 282 -13.29 -11.76 13.55
C SER A 282 -14.44 -10.78 13.54
N LEU A 283 -14.18 -9.60 13.00
CA LEU A 283 -15.19 -8.56 12.85
C LEU A 283 -15.01 -7.85 11.52
N GLU A 284 -16.09 -7.76 10.74
CA GLU A 284 -16.10 -7.06 9.47
CA GLU A 284 -16.08 -7.04 9.47
C GLU A 284 -16.78 -5.71 9.64
N LEU A 285 -16.10 -4.63 9.30
CA LEU A 285 -16.68 -3.28 9.40
C LEU A 285 -16.77 -2.74 7.98
N THR A 286 -17.99 -2.51 7.52
CA THR A 286 -18.26 -2.18 6.14
C THR A 286 -18.37 -0.70 5.84
N GLU A 287 -18.38 0.17 6.86
CA GLU A 287 -18.52 1.61 6.63
C GLU A 287 -17.36 2.17 5.80
N HIS A 288 -17.64 3.13 4.92
CA HIS A 288 -16.59 3.71 4.08
C HIS A 288 -15.38 4.05 4.95
N ILE A 289 -14.22 3.51 4.59
CA ILE A 289 -13.00 3.68 5.38
C ILE A 289 -12.73 5.13 5.86
N ALA A 290 -12.83 6.10 4.96
CA ALA A 290 -12.55 7.47 5.33
C ALA A 290 -13.48 7.93 6.44
N GLN A 291 -14.78 7.67 6.29
CA GLN A 291 -15.79 8.05 7.27
CA GLN A 291 -15.71 8.12 7.31
C GLN A 291 -15.60 7.32 8.59
N LEU A 292 -15.23 6.05 8.49
CA LEU A 292 -15.11 5.23 9.67
C LEU A 292 -13.91 5.63 10.49
N ILE A 293 -12.79 5.86 9.82
CA ILE A 293 -11.59 6.24 10.54
C ILE A 293 -11.78 7.60 11.19
N SER A 294 -12.44 8.50 10.48
CA SER A 294 -12.74 9.82 11.00
C SER A 294 -13.62 9.78 12.27
N ALA A 295 -14.68 9.02 12.22
CA ALA A 295 -15.58 8.87 13.36
C ALA A 295 -14.92 8.13 14.50
N THR A 296 -14.11 7.14 14.19
CA THR A 296 -13.35 6.44 15.22
C THR A 296 -12.37 7.35 15.94
N LYS A 297 -11.66 8.21 15.19
CA LYS A 297 -10.70 9.12 15.81
C LYS A 297 -11.38 10.04 16.83
N THR A 298 -12.48 10.67 16.40
CA THR A 298 -13.32 11.48 17.27
C THR A 298 -13.68 10.78 18.58
N ILE A 299 -14.21 9.56 18.50
CA ILE A 299 -14.54 8.81 19.71
C ILE A 299 -13.30 8.54 20.55
N TYR A 300 -12.28 8.03 19.88
CA TYR A 300 -11.10 7.52 20.54
C TYR A 300 -10.43 8.62 21.32
N GLN A 301 -10.58 9.86 20.85
CA GLN A 301 -9.93 11.00 21.48
C GLN A 301 -10.68 11.61 22.66
N LYS A 302 -11.80 11.00 23.08
CA LYS A 302 -12.57 11.47 24.23
C LYS A 302 -12.39 10.57 25.45
N GLY B . 7.32 -2.97 -20.55
CA GLY B . 8.81 -3.04 -20.58
C GLY B . 9.31 -2.90 -22.00
O GLY B . 8.79 -2.09 -22.76
OXT GLY B . 10.23 -3.59 -22.43
N GLY C . 9.43 12.32 3.23
CA GLY C . 9.15 13.68 2.67
C GLY C . 7.69 13.83 2.33
O GLY C . 7.15 13.10 1.50
OXT GLY C . 7.00 14.69 2.89
N ALA D . -0.49 -19.97 0.67
CA ALA D . -0.05 -18.56 0.87
C ALA D . -0.77 -17.67 -0.13
O ALA D . -0.42 -17.65 -1.33
CB ALA D . 1.46 -18.44 0.69
OXT ALA D . -1.73 -16.99 0.23
ZN ZN E . 21.67 -4.45 -13.87
N1 APR F . -14.15 1.65 2.19
C2 APR F . -13.93 0.37 2.51
N3 APR F . -13.34 -0.50 1.66
C4 APR F . -12.89 -0.10 0.45
C5 APR F . -13.11 1.29 0.02
C6 APR F . -13.77 2.16 0.99
N6 APR F . -13.98 3.41 0.64
N7 APR F . -12.59 1.42 -1.21
C8 APR F . -12.08 0.21 -1.55
N9 APR F . -12.28 -0.68 -0.57
C1' APR F . -11.85 -2.10 -0.58
C2' APR F . -12.32 -2.92 -1.76
O2' APR F . -13.61 -3.54 -1.59
C3' APR F . -11.22 -3.96 -1.92
O3' APR F . -11.52 -5.16 -1.20
O4' APR F . -10.43 -2.11 -0.64
C4' APR F . -9.98 -3.31 -1.32
C5' APR F . -8.97 -3.04 -2.40
O5' APR F . -8.58 -4.33 -2.88
PA APR F . -7.52 -4.55 -4.08
O1A APR F . -7.86 -3.54 -5.14
O2A APR F . -7.33 -6.02 -4.22
O3A APR F . -6.21 -3.91 -3.43
PB APR F . -5.05 -4.62 -2.58
O1B APR F . -5.53 -5.67 -1.61
O2B APR F . -4.23 -3.50 -2.04
O5D APR F . -4.21 -5.38 -3.73
C5D APR F . -3.51 -4.62 -4.71
O4D APR F . -1.94 -4.94 -6.45
O1D APR F . -1.10 -2.80 -7.06
C1D APR F . -0.81 -4.05 -6.41
O2D APR F . 0.88 -3.55 -4.65
C2D APR F . -0.51 -3.78 -4.92
O3D APR F . -0.11 -6.08 -4.21
C3D APR F . -1.08 -5.02 -4.25
C4D APR F . -2.26 -5.38 -5.14
C1 EDO G . -23.70 2.90 10.95
O1 EDO G . -22.66 3.01 9.97
C2 EDO G . -23.40 1.78 11.94
O2 EDO G . -22.29 2.19 12.74
#